data_3VJ9
#
_entry.id   3VJ9
#
_cell.length_a   51.776
_cell.length_b   76.657
_cell.length_c   82.501
_cell.angle_alpha   90.00
_cell.angle_beta   90.00
_cell.angle_gamma   90.00
#
_symmetry.space_group_name_H-M   'P 21 21 21'
#
loop_
_entity.id
_entity.type
_entity.pdbx_description
1 polymer 'Squalene synthase'
2 non-polymer 'CALCIUM ION'
3 non-polymer 'NICKEL (II) ION'
4 water water
#
_entity_poly.entity_id   1
_entity_poly.type   'polypeptide(L)'
_entity_poly.pdbx_seq_one_letter_code
;GSHMDQDSLSSSLKTCYKYLNQTSRSFAAVIQALDGEMRNAVCIFYLVLRALDTLEDDMTISVEKKVPLLHNFHSFLYQP
DWRFMESKEKDRQVLEDFPTISLEFRNLAEKYQTVIADICRRMGIGMAEFLDKHVTSEQEWDKYCHYVAGLVGIGLSRLF
SASEFEDPLVGEDTERANSMGLFLQKTNIIRDYLEDQQGGREFWPQEVWSRYVKKLGDFAKPENIDLAVQCLNELITNAL
HHIPDVITYLSRLRNQSVFNFCAIPQVMAIATLAACYNNQQVFKGAVKIRKGQAVTLMMDATNMPAVKAIIYQYMEEIYH
RIPDSDPSSSKTRQIISTIRTQN
;
_entity_poly.pdbx_strand_id   A
#
loop_
_chem_comp.id
_chem_comp.type
_chem_comp.name
_chem_comp.formula
CA non-polymer 'CALCIUM ION' 'Ca 2'
NI non-polymer 'NICKEL (II) ION' 'Ni 2'
#
# COMPACT_ATOMS: atom_id res chain seq x y z
N SER A 8 5.93 -0.47 -31.52
CA SER A 8 5.57 0.46 -30.42
C SER A 8 4.24 0.11 -29.76
N LEU A 9 3.47 1.14 -29.41
CA LEU A 9 2.22 0.95 -28.68
C LEU A 9 1.00 1.21 -29.54
N SER A 10 -0.04 0.42 -29.33
CA SER A 10 -1.37 0.67 -29.87
C SER A 10 -1.89 1.98 -29.27
N SER A 11 -2.89 2.58 -29.91
CA SER A 11 -3.49 3.80 -29.40
C SER A 11 -4.06 3.58 -28.00
N SER A 12 -4.71 2.43 -27.79
CA SER A 12 -5.28 2.10 -26.48
C SER A 12 -4.20 1.93 -25.41
N LEU A 13 -3.08 1.31 -25.75
CA LEU A 13 -2.04 1.14 -24.73
C LEU A 13 -1.30 2.45 -24.43
N LYS A 14 -1.10 3.28 -25.45
CA LYS A 14 -0.59 4.64 -25.23
C LYS A 14 -1.44 5.37 -24.18
N THR A 15 -2.75 5.27 -24.35
CA THR A 15 -3.69 5.86 -23.39
C THR A 15 -3.53 5.29 -21.99
N CYS A 16 -3.33 3.97 -21.90
CA CYS A 16 -3.09 3.32 -20.62
C CYS A 16 -1.83 3.88 -19.94
N TYR A 17 -0.77 4.07 -20.72
CA TYR A 17 0.46 4.61 -20.13
C TYR A 17 0.29 6.07 -19.77
N LYS A 18 -0.54 6.81 -20.51
CA LYS A 18 -0.86 8.17 -20.10
C LYS A 18 -1.55 8.15 -18.74
N TYR A 19 -2.53 7.27 -18.56
CA TYR A 19 -3.23 7.17 -17.28
C TYR A 19 -2.31 6.70 -16.16
N LEU A 20 -1.35 5.83 -16.49
CA LEU A 20 -0.39 5.37 -15.49
C LEU A 20 0.42 6.56 -14.99
N ASN A 21 0.85 7.41 -15.92
CA ASN A 21 1.59 8.61 -15.52
C ASN A 21 0.76 9.60 -14.73
N GLN A 22 -0.49 9.77 -15.13
CA GLN A 22 -1.41 10.65 -14.42
C GLN A 22 -1.65 10.18 -12.99
N THR A 23 -1.76 8.86 -12.78
CA THR A 23 -2.15 8.31 -11.49
C THR A 23 -1.00 7.90 -10.59
N SER A 24 0.12 7.47 -11.17
CA SER A 24 1.25 6.96 -10.38
C SER A 24 2.42 7.93 -10.30
N ARG A 25 2.31 9.02 -11.06
CA ARG A 25 3.31 10.08 -11.14
C ARG A 25 4.75 9.59 -11.24
N SER A 26 5.59 9.89 -10.26
CA SER A 26 7.00 9.53 -10.33
C SER A 26 7.26 8.02 -10.43
N PHE A 27 6.32 7.23 -9.90
CA PHE A 27 6.47 5.77 -9.88
C PHE A 27 6.19 5.08 -11.22
N ALA A 28 5.56 5.81 -12.14
CA ALA A 28 5.28 5.26 -13.46
C ALA A 28 6.57 4.85 -14.14
N ALA A 29 7.65 5.61 -13.93
CA ALA A 29 8.91 5.28 -14.59
C ALA A 29 9.43 3.92 -14.13
N VAL A 30 9.14 3.59 -12.87
CA VAL A 30 9.63 2.33 -12.32
C VAL A 30 8.83 1.17 -12.91
N ILE A 31 7.53 1.36 -13.06
CA ILE A 31 6.74 0.37 -13.78
C ILE A 31 7.17 0.24 -15.25
N GLN A 32 7.43 1.37 -15.90
CA GLN A 32 7.82 1.37 -17.31
C GLN A 32 9.16 0.69 -17.55
N ALA A 33 9.97 0.57 -16.50
CA ALA A 33 11.28 -0.09 -16.58
C ALA A 33 11.22 -1.61 -16.39
N LEU A 34 10.04 -2.11 -16.03
CA LEU A 34 9.91 -3.56 -15.89
C LEU A 34 10.18 -4.29 -17.20
N ASP A 35 10.90 -5.41 -17.09
CA ASP A 35 11.25 -6.21 -18.24
C ASP A 35 10.08 -6.89 -18.94
N GLY A 36 10.15 -6.88 -20.27
CA GLY A 36 9.29 -7.68 -21.15
C GLY A 36 7.80 -7.65 -20.82
N GLU A 37 7.22 -8.84 -20.71
CA GLU A 37 5.78 -9.00 -20.51
C GLU A 37 5.30 -8.40 -19.19
N MET A 38 6.20 -8.25 -18.22
CA MET A 38 5.78 -7.72 -16.93
C MET A 38 5.29 -6.28 -17.02
N ARG A 39 5.84 -5.52 -17.96
CA ARG A 39 5.57 -4.08 -18.04
C ARG A 39 4.08 -3.84 -18.26
N ASN A 40 3.51 -4.40 -19.33
CA ASN A 40 2.09 -4.17 -19.60
C ASN A 40 1.21 -4.84 -18.54
N ALA A 41 1.60 -6.01 -18.07
CA ALA A 41 0.79 -6.71 -17.05
C ALA A 41 0.65 -5.87 -15.77
N VAL A 42 1.77 -5.33 -15.30
CA VAL A 42 1.73 -4.52 -14.09
C VAL A 42 1.09 -3.16 -14.36
N CYS A 43 1.33 -2.57 -15.52
CA CYS A 43 0.64 -1.31 -15.85
C CYS A 43 -0.86 -1.52 -15.78
N ILE A 44 -1.36 -2.55 -16.44
CA ILE A 44 -2.80 -2.78 -16.42
C ILE A 44 -3.33 -3.12 -15.03
N PHE A 45 -2.60 -3.97 -14.29
CA PHE A 45 -3.01 -4.30 -12.92
C PHE A 45 -3.12 -3.02 -12.08
N TYR A 46 -2.13 -2.14 -12.20
CA TYR A 46 -2.14 -0.90 -11.45
C TYR A 46 -3.37 -0.05 -11.79
N LEU A 47 -3.71 0.01 -13.08
CA LEU A 47 -4.82 0.85 -13.51
C LEU A 47 -6.15 0.27 -13.05
N VAL A 48 -6.32 -1.04 -13.14
CA VAL A 48 -7.57 -1.63 -12.64
C VAL A 48 -7.68 -1.45 -11.12
N LEU A 49 -6.58 -1.60 -10.40
CA LEU A 49 -6.57 -1.36 -8.94
C LEU A 49 -6.92 0.09 -8.61
N ARG A 50 -6.41 1.02 -9.43
CA ARG A 50 -6.71 2.43 -9.24
C ARG A 50 -8.21 2.67 -9.43
N ALA A 51 -8.80 2.02 -10.43
CA ALA A 51 -10.24 2.17 -10.70
C ALA A 51 -11.03 1.67 -9.51
N LEU A 52 -10.64 0.50 -9.00
CA LEU A 52 -11.33 -0.12 -7.88
C LEU A 52 -11.21 0.75 -6.62
N ASP A 53 -10.01 1.23 -6.32
CA ASP A 53 -9.81 2.09 -5.17
C ASP A 53 -10.55 3.41 -5.27
N THR A 54 -10.68 3.92 -6.50
CA THR A 54 -11.38 5.18 -6.72
C THR A 54 -12.85 5.00 -6.34
N LEU A 55 -13.43 3.85 -6.70
CA LEU A 55 -14.77 3.53 -6.23
C LEU A 55 -14.86 3.43 -4.70
N GLU A 56 -13.94 2.72 -4.07
CA GLU A 56 -13.99 2.50 -2.62
C GLU A 56 -13.97 3.84 -1.91
N ASP A 57 -13.07 4.72 -2.35
CA ASP A 57 -12.79 5.98 -1.68
C ASP A 57 -13.80 7.10 -1.93
N ASP A 58 -14.63 6.94 -2.96
CA ASP A 58 -15.51 8.03 -3.35
C ASP A 58 -16.72 8.11 -2.43
N MET A 59 -16.71 9.10 -1.54
CA MET A 59 -17.76 9.22 -0.54
C MET A 59 -19.05 9.79 -1.14
N THR A 60 -19.00 10.26 -2.39
CA THR A 60 -20.20 10.72 -3.09
C THR A 60 -21.05 9.59 -3.66
N ILE A 61 -20.49 8.37 -3.68
CA ILE A 61 -21.24 7.22 -4.17
C ILE A 61 -21.86 6.49 -2.98
N SER A 62 -23.19 6.36 -2.97
CA SER A 62 -23.89 5.75 -1.83
C SER A 62 -23.45 4.30 -1.65
N VAL A 63 -23.56 3.77 -0.43
CA VAL A 63 -23.20 2.37 -0.15
C VAL A 63 -24.01 1.42 -1.01
N GLU A 64 -25.29 1.75 -1.18
CA GLU A 64 -26.19 0.94 -2.00
C GLU A 64 -25.75 0.83 -3.46
N LYS A 65 -25.20 1.91 -4.00
CA LYS A 65 -24.71 1.97 -5.38
C LYS A 65 -23.29 1.37 -5.47
N LYS A 66 -22.51 1.59 -4.42
CA LYS A 66 -21.11 1.19 -4.39
C LYS A 66 -20.88 -0.32 -4.27
N VAL A 67 -21.64 -0.99 -3.40
CA VAL A 67 -21.38 -2.41 -3.17
C VAL A 67 -21.53 -3.25 -4.45
N PRO A 68 -22.58 -3.01 -5.26
CA PRO A 68 -22.65 -3.80 -6.51
C PRO A 68 -21.42 -3.62 -7.40
N LEU A 69 -20.83 -2.43 -7.38
CA LEU A 69 -19.65 -2.16 -8.19
C LEU A 69 -18.44 -2.91 -7.62
N LEU A 70 -18.30 -2.92 -6.30
CA LEU A 70 -17.17 -3.61 -5.68
C LEU A 70 -17.28 -5.12 -5.83
N HIS A 71 -18.48 -5.64 -5.58
CA HIS A 71 -18.71 -7.07 -5.73
C HIS A 71 -18.46 -7.58 -7.13
N ASN A 72 -18.87 -6.80 -8.12
CA ASN A 72 -18.80 -7.30 -9.49
C ASN A 72 -17.69 -6.68 -10.33
N PHE A 73 -16.81 -5.93 -9.68
CA PHE A 73 -15.77 -5.25 -10.44
C PHE A 73 -14.95 -6.20 -11.31
N HIS A 74 -14.60 -7.36 -10.77
CA HIS A 74 -13.81 -8.35 -11.48
C HIS A 74 -14.52 -8.78 -12.78
N SER A 75 -15.85 -8.75 -12.79
CA SER A 75 -16.63 -9.13 -13.98
C SER A 75 -16.60 -8.07 -15.07
N PHE A 76 -16.44 -6.80 -14.67
CA PHE A 76 -16.43 -5.70 -15.63
C PHE A 76 -15.21 -5.75 -16.53
N LEU A 77 -14.18 -6.42 -16.06
CA LEU A 77 -12.99 -6.67 -16.88
C LEU A 77 -13.33 -7.36 -18.20
N TYR A 78 -14.40 -8.16 -18.18
CA TYR A 78 -14.86 -8.93 -19.35
C TYR A 78 -16.10 -8.36 -20.04
N GLN A 79 -16.43 -7.12 -19.71
CA GLN A 79 -17.57 -6.42 -20.30
C GLN A 79 -17.02 -5.24 -21.10
N PRO A 80 -16.93 -5.39 -22.43
CA PRO A 80 -16.14 -4.42 -23.19
C PRO A 80 -16.60 -2.97 -23.11
N ASP A 81 -17.89 -2.76 -22.88
CA ASP A 81 -18.41 -1.40 -22.82
C ASP A 81 -18.63 -0.85 -21.41
N TRP A 82 -18.27 -1.60 -20.37
CA TRP A 82 -18.47 -1.11 -19.00
C TRP A 82 -17.62 0.11 -18.70
N ARG A 83 -18.27 1.14 -18.18
CA ARG A 83 -17.58 2.33 -17.67
C ARG A 83 -18.39 2.90 -16.50
N PHE A 84 -17.84 3.88 -15.80
CA PHE A 84 -18.56 4.56 -14.72
C PHE A 84 -18.31 6.05 -14.85
N MET A 85 -19.39 6.82 -14.98
CA MET A 85 -19.29 8.24 -15.32
C MET A 85 -19.59 9.21 -14.17
N GLU A 86 -19.84 8.69 -12.97
CA GLU A 86 -20.32 9.52 -11.87
C GLU A 86 -19.34 9.80 -10.73
N SER A 87 -18.09 9.35 -10.86
CA SER A 87 -17.09 9.61 -9.82
C SER A 87 -16.67 11.08 -9.80
N LYS A 88 -16.34 11.58 -8.62
CA LYS A 88 -15.84 12.93 -8.46
C LYS A 88 -14.44 12.91 -7.85
N GLU A 89 -13.79 11.76 -7.94
CA GLU A 89 -12.49 11.55 -7.33
C GLU A 89 -11.36 11.90 -8.30
N LYS A 90 -10.14 12.00 -7.77
CA LYS A 90 -8.97 12.40 -8.54
C LYS A 90 -8.76 11.58 -9.82
N ASP A 91 -8.86 10.26 -9.70
CA ASP A 91 -8.46 9.38 -10.79
C ASP A 91 -9.64 8.87 -11.60
N ARG A 92 -10.74 9.61 -11.59
CA ARG A 92 -11.97 9.17 -12.23
C ARG A 92 -11.86 8.86 -13.72
N GLN A 93 -10.85 9.41 -14.39
CA GLN A 93 -10.66 9.15 -15.81
C GLN A 93 -10.48 7.65 -16.10
N VAL A 94 -9.93 6.90 -15.15
CA VAL A 94 -9.75 5.46 -15.39
C VAL A 94 -11.09 4.73 -15.34
N LEU A 95 -12.05 5.30 -14.63
CA LEU A 95 -13.42 4.76 -14.62
C LEU A 95 -14.21 5.20 -15.85
N GLU A 96 -14.06 6.47 -16.25
CA GLU A 96 -14.79 6.99 -17.40
C GLU A 96 -14.33 6.34 -18.69
N ASP A 97 -13.04 5.99 -18.75
CA ASP A 97 -12.48 5.34 -19.91
C ASP A 97 -12.06 3.90 -19.61
N PHE A 98 -12.79 3.25 -18.72
CA PHE A 98 -12.47 1.86 -18.40
C PHE A 98 -12.47 0.94 -19.62
N PRO A 99 -13.34 1.16 -20.63
CA PRO A 99 -13.24 0.28 -21.80
C PRO A 99 -11.85 0.20 -22.43
N THR A 100 -11.09 1.30 -22.40
CA THR A 100 -9.73 1.28 -22.97
C THR A 100 -8.79 0.40 -22.14
N ILE A 101 -8.95 0.46 -20.83
CA ILE A 101 -8.18 -0.36 -19.91
C ILE A 101 -8.57 -1.84 -20.01
N SER A 102 -9.87 -2.12 -20.02
CA SER A 102 -10.31 -3.51 -20.07
C SER A 102 -9.96 -4.17 -21.42
N LEU A 103 -9.97 -3.40 -22.50
CA LEU A 103 -9.53 -3.90 -23.81
C LEU A 103 -8.10 -4.42 -23.71
N GLU A 104 -7.23 -3.61 -23.10
CA GLU A 104 -5.84 -4.02 -22.96
C GLU A 104 -5.68 -5.15 -21.95
N PHE A 105 -6.48 -5.15 -20.88
CA PHE A 105 -6.51 -6.30 -19.98
C PHE A 105 -6.82 -7.60 -20.74
N ARG A 106 -7.84 -7.58 -21.60
CA ARG A 106 -8.20 -8.79 -22.35
C ARG A 106 -7.17 -9.20 -23.41
N ASN A 107 -6.22 -8.31 -23.70
CA ASN A 107 -5.12 -8.61 -24.62
C ASN A 107 -3.90 -9.19 -23.91
N LEU A 108 -3.91 -9.19 -22.58
CA LEU A 108 -2.84 -9.82 -21.81
C LEU A 108 -2.94 -11.33 -21.94
N ALA A 109 -1.81 -12.01 -21.75
CA ALA A 109 -1.83 -13.48 -21.69
C ALA A 109 -2.82 -13.94 -20.60
N GLU A 110 -3.45 -15.07 -20.86
CA GLU A 110 -4.42 -15.64 -19.93
C GLU A 110 -3.86 -15.80 -18.53
N LYS A 111 -2.59 -16.19 -18.42
CA LYS A 111 -1.99 -16.38 -17.10
C LYS A 111 -2.00 -15.10 -16.26
N TYR A 112 -1.86 -13.95 -16.90
CA TYR A 112 -1.91 -12.66 -16.19
C TYR A 112 -3.35 -12.25 -15.90
N GLN A 113 -4.24 -12.49 -16.85
CA GLN A 113 -5.66 -12.19 -16.66
C GLN A 113 -6.23 -12.90 -15.42
N THR A 114 -5.91 -14.18 -15.28
CA THR A 114 -6.37 -14.99 -14.17
C THR A 114 -5.98 -14.38 -12.81
N VAL A 115 -4.72 -13.98 -12.70
CA VAL A 115 -4.23 -13.39 -11.45
C VAL A 115 -4.98 -12.09 -11.15
N ILE A 116 -5.04 -11.20 -12.15
CA ILE A 116 -5.62 -9.87 -11.94
C ILE A 116 -7.10 -9.98 -11.60
N ALA A 117 -7.83 -10.79 -12.34
CA ALA A 117 -9.25 -10.97 -12.05
C ALA A 117 -9.49 -11.55 -10.65
N ASP A 118 -8.69 -12.53 -10.25
CA ASP A 118 -8.87 -13.15 -8.94
C ASP A 118 -8.64 -12.12 -7.84
N ILE A 119 -7.56 -11.35 -7.96
CA ILE A 119 -7.27 -10.35 -6.94
C ILE A 119 -8.38 -9.30 -6.90
N CYS A 120 -8.83 -8.85 -8.06
CA CYS A 120 -9.92 -7.87 -8.08
C CYS A 120 -11.18 -8.41 -7.40
N ARG A 121 -11.49 -9.68 -7.64
CA ARG A 121 -12.64 -10.30 -7.02
C ARG A 121 -12.53 -10.24 -5.50
N ARG A 122 -11.39 -10.69 -4.99
CA ARG A 122 -11.21 -10.86 -3.56
C ARG A 122 -11.12 -9.50 -2.87
N MET A 123 -10.46 -8.54 -3.52
CA MET A 123 -10.35 -7.18 -2.99
C MET A 123 -11.70 -6.49 -2.93
N GLY A 124 -12.51 -6.63 -3.99
CA GLY A 124 -13.81 -5.98 -3.98
C GLY A 124 -14.72 -6.47 -2.87
N ILE A 125 -14.69 -7.78 -2.60
CA ILE A 125 -15.47 -8.35 -1.51
C ILE A 125 -14.98 -7.81 -0.17
N GLY A 126 -13.67 -7.75 0.02
CA GLY A 126 -13.16 -7.28 1.30
C GLY A 126 -13.38 -5.79 1.50
N MET A 127 -13.21 -5.01 0.46
CA MET A 127 -13.50 -3.58 0.53
C MET A 127 -14.96 -3.34 0.92
N ALA A 128 -15.88 -4.07 0.30
CA ALA A 128 -17.30 -3.90 0.63
C ALA A 128 -17.58 -4.25 2.08
N GLU A 129 -16.94 -5.30 2.59
CA GLU A 129 -17.12 -5.72 3.99
C GLU A 129 -16.77 -4.58 4.96
N PHE A 130 -15.76 -3.78 4.63
CA PHE A 130 -15.33 -2.74 5.57
C PHE A 130 -15.97 -1.36 5.36
N LEU A 131 -16.89 -1.23 4.41
CA LEU A 131 -17.45 0.10 4.15
C LEU A 131 -18.19 0.68 5.35
N ASP A 132 -18.97 -0.17 6.01
CA ASP A 132 -19.85 0.27 7.09
C ASP A 132 -19.21 0.18 8.47
N LYS A 133 -18.09 -0.54 8.58
CA LYS A 133 -17.53 -0.82 9.89
C LYS A 133 -16.15 -0.20 10.09
N HIS A 134 -15.84 0.07 11.36
CA HIS A 134 -14.52 0.50 11.75
C HIS A 134 -13.65 -0.73 11.99
N VAL A 135 -12.36 -0.48 12.14
CA VAL A 135 -11.42 -1.55 12.42
C VAL A 135 -11.35 -1.75 13.94
N THR A 136 -11.63 -2.95 14.41
CA THR A 136 -11.65 -3.19 15.85
C THR A 136 -10.29 -3.72 16.33
N SER A 137 -10.08 -5.02 16.20
CA SER A 137 -8.86 -5.65 16.71
C SER A 137 -7.66 -5.40 15.81
N GLU A 138 -6.47 -5.62 16.37
CA GLU A 138 -5.27 -5.67 15.53
C GLU A 138 -5.40 -6.73 14.43
N GLN A 139 -6.06 -7.84 14.72
CA GLN A 139 -6.28 -8.87 13.69
C GLN A 139 -7.14 -8.32 12.54
N GLU A 140 -8.20 -7.58 12.88
CA GLU A 140 -9.04 -6.90 11.90
C GLU A 140 -8.27 -5.83 11.12
N TRP A 141 -7.34 -5.13 11.78
CA TRP A 141 -6.45 -4.22 11.06
C TRP A 141 -5.65 -4.97 10.01
N ASP A 142 -5.11 -6.13 10.38
CA ASP A 142 -4.39 -6.96 9.43
C ASP A 142 -5.29 -7.43 8.30
N LYS A 143 -6.54 -7.74 8.62
CA LYS A 143 -7.46 -8.21 7.59
C LYS A 143 -7.82 -7.09 6.62
N TYR A 144 -8.12 -5.89 7.12
CA TYR A 144 -8.39 -4.76 6.24
C TYR A 144 -7.18 -4.51 5.34
N CYS A 145 -5.98 -4.50 5.94
CA CYS A 145 -4.77 -4.24 5.16
C CYS A 145 -4.52 -5.33 4.13
N HIS A 146 -4.90 -6.56 4.45
CA HIS A 146 -4.82 -7.65 3.48
C HIS A 146 -5.70 -7.35 2.28
N TYR A 147 -6.94 -6.92 2.54
CA TYR A 147 -7.87 -6.69 1.45
C TYR A 147 -7.45 -5.58 0.50
N VAL A 148 -6.87 -4.50 1.01
CA VAL A 148 -6.56 -3.34 0.20
C VAL A 148 -5.10 -3.25 -0.25
N ALA A 149 -4.21 -4.06 0.32
CA ALA A 149 -2.79 -3.93 0.04
C ALA A 149 -2.05 -5.27 0.04
N GLY A 150 -2.32 -6.14 1.02
CA GLY A 150 -1.66 -7.44 1.03
C GLY A 150 -1.98 -8.20 -0.25
N LEU A 151 -3.23 -8.13 -0.70
CA LEU A 151 -3.60 -8.83 -1.92
C LEU A 151 -2.90 -8.26 -3.15
N VAL A 152 -2.56 -6.96 -3.13
CA VAL A 152 -1.79 -6.35 -4.21
C VAL A 152 -0.40 -6.97 -4.23
N GLY A 153 0.23 -7.09 -3.07
CA GLY A 153 1.52 -7.78 -3.01
C GLY A 153 1.45 -9.20 -3.50
N ILE A 154 0.46 -9.96 -3.02
CA ILE A 154 0.23 -11.31 -3.52
C ILE A 154 0.02 -11.34 -5.04
N GLY A 155 -0.81 -10.45 -5.58
CA GLY A 155 -1.10 -10.43 -7.01
C GLY A 155 0.14 -10.13 -7.82
N LEU A 156 0.92 -9.13 -7.39
CA LEU A 156 2.15 -8.78 -8.10
C LEU A 156 3.12 -9.94 -8.09
N SER A 157 3.26 -10.56 -6.93
CA SER A 157 4.13 -11.73 -6.80
C SER A 157 3.74 -12.85 -7.77
N ARG A 158 2.45 -13.08 -7.88
CA ARG A 158 1.95 -14.08 -8.81
C ARG A 158 2.24 -13.69 -10.26
N LEU A 159 2.13 -12.41 -10.60
CA LEU A 159 2.54 -11.94 -11.92
C LEU A 159 4.02 -12.18 -12.17
N PHE A 160 4.87 -11.88 -11.18
CA PHE A 160 6.31 -12.07 -11.37
C PHE A 160 6.61 -13.54 -11.63
N SER A 161 6.03 -14.42 -10.82
CA SER A 161 6.29 -15.85 -11.03
C SER A 161 5.70 -16.37 -12.34
N ALA A 162 4.51 -15.91 -12.72
CA ALA A 162 3.90 -16.34 -13.99
C ALA A 162 4.72 -15.96 -15.20
N SER A 163 5.37 -14.81 -15.12
CA SER A 163 6.22 -14.31 -16.20
C SER A 163 7.53 -15.06 -16.32
N GLU A 164 7.87 -15.77 -15.25
CA GLU A 164 9.13 -16.52 -15.12
C GLU A 164 10.37 -15.64 -15.02
N PHE A 165 10.20 -14.34 -14.83
CA PHE A 165 11.34 -13.48 -14.53
C PHE A 165 11.75 -13.65 -13.07
N GLU A 166 10.85 -14.20 -12.25
CA GLU A 166 11.15 -14.57 -10.86
C GLU A 166 10.77 -16.02 -10.63
N ASP A 167 11.35 -16.62 -9.58
CA ASP A 167 11.13 -18.03 -9.28
C ASP A 167 9.70 -18.29 -8.80
N PRO A 168 9.23 -19.55 -8.90
CA PRO A 168 7.87 -19.87 -8.42
C PRO A 168 7.67 -19.50 -6.95
N LEU A 169 8.73 -19.58 -6.14
CA LEU A 169 8.65 -19.28 -4.72
C LEU A 169 8.04 -17.91 -4.44
N VAL A 170 8.33 -16.95 -5.30
CA VAL A 170 7.88 -15.58 -5.07
C VAL A 170 6.35 -15.50 -5.01
N GLY A 171 5.69 -16.11 -5.99
CA GLY A 171 4.24 -16.19 -6.02
C GLY A 171 3.65 -17.12 -4.98
N GLU A 172 4.36 -18.19 -4.64
CA GLU A 172 3.87 -19.18 -3.70
C GLU A 172 3.86 -18.70 -2.25
N ASP A 173 4.83 -17.88 -1.88
CA ASP A 173 4.94 -17.46 -0.47
C ASP A 173 4.02 -16.28 -0.17
N THR A 174 2.75 -16.58 0.04
CA THR A 174 1.78 -15.51 0.16
C THR A 174 1.96 -14.74 1.46
N GLU A 175 2.48 -15.37 2.52
CA GLU A 175 2.67 -14.66 3.78
C GLU A 175 3.66 -13.52 3.55
N ARG A 176 4.78 -13.81 2.89
CA ARG A 176 5.78 -12.75 2.67
C ARG A 176 5.24 -11.64 1.77
N ALA A 177 4.52 -12.00 0.71
CA ALA A 177 3.98 -11.00 -0.21
C ALA A 177 2.92 -10.15 0.48
N ASN A 178 2.13 -10.79 1.33
CA ASN A 178 1.15 -10.06 2.14
C ASN A 178 1.81 -9.06 3.07
N SER A 179 2.91 -9.47 3.69
CA SER A 179 3.66 -8.56 4.57
C SER A 179 4.20 -7.33 3.86
N MET A 180 4.66 -7.50 2.61
CA MET A 180 5.07 -6.36 1.79
C MET A 180 3.94 -5.34 1.70
N GLY A 181 2.72 -5.83 1.45
CA GLY A 181 1.59 -4.93 1.38
C GLY A 181 1.20 -4.30 2.71
N LEU A 182 1.21 -5.10 3.77
CA LEU A 182 0.84 -4.59 5.08
C LEU A 182 1.80 -3.52 5.53
N PHE A 183 3.09 -3.70 5.29
CA PHE A 183 4.04 -2.68 5.73
C PHE A 183 3.71 -1.33 5.09
N LEU A 184 3.45 -1.33 3.79
CA LEU A 184 3.13 -0.09 3.07
C LEU A 184 1.82 0.46 3.59
N GLN A 185 0.80 -0.38 3.76
CA GLN A 185 -0.56 0.11 4.08
C GLN A 185 -0.64 0.61 5.51
N LYS A 186 0.01 -0.10 6.44
CA LYS A 186 0.00 0.36 7.82
C LYS A 186 0.74 1.70 7.91
N THR A 187 1.84 1.84 7.17
CA THR A 187 2.58 3.12 7.18
C THR A 187 1.69 4.25 6.67
N ASN A 188 0.94 4.01 5.60
CA ASN A 188 0.06 5.05 5.09
C ASN A 188 -1.06 5.41 6.07
N ILE A 189 -1.65 4.40 6.68
CA ILE A 189 -2.74 4.64 7.62
C ILE A 189 -2.25 5.46 8.82
N ILE A 190 -1.05 5.11 9.28
CA ILE A 190 -0.43 5.85 10.39
C ILE A 190 -0.20 7.31 10.00
N ARG A 191 0.43 7.52 8.85
CA ARG A 191 0.74 8.87 8.39
C ARG A 191 -0.53 9.70 8.17
N ASP A 192 -1.61 9.07 7.72
CA ASP A 192 -2.78 9.81 7.24
C ASP A 192 -3.90 9.95 8.26
N TYR A 193 -3.58 9.76 9.54
CA TYR A 193 -4.56 9.95 10.61
C TYR A 193 -5.46 11.16 10.37
N LEU A 194 -4.87 12.33 10.16
CA LEU A 194 -5.65 13.55 10.17
C LEU A 194 -6.54 13.65 8.95
N GLU A 195 -5.97 13.36 7.78
CA GLU A 195 -6.75 13.48 6.55
C GLU A 195 -7.90 12.48 6.55
N ASP A 196 -7.66 11.33 7.17
CA ASP A 196 -8.72 10.32 7.22
C ASP A 196 -9.80 10.73 8.21
N GLN A 197 -9.40 11.30 9.34
CA GLN A 197 -10.33 11.69 10.39
C GLN A 197 -11.23 12.78 9.83
N GLN A 198 -10.60 13.72 9.14
CA GLN A 198 -11.32 14.86 8.54
C GLN A 198 -12.25 14.43 7.40
N GLY A 199 -11.92 13.30 6.76
CA GLY A 199 -12.72 12.74 5.67
C GLY A 199 -13.78 11.78 6.17
N GLY A 200 -13.91 11.68 7.49
CA GLY A 200 -14.88 10.80 8.12
C GLY A 200 -14.54 9.32 8.08
N ARG A 201 -13.26 9.01 7.93
CA ARG A 201 -12.83 7.62 7.87
C ARG A 201 -11.95 7.27 9.08
N GLU A 202 -12.13 6.06 9.61
CA GLU A 202 -11.38 5.61 10.77
C GLU A 202 -10.74 4.27 10.51
N PHE A 203 -9.42 4.26 10.49
CA PHE A 203 -8.67 3.06 10.15
C PHE A 203 -7.76 2.55 11.27
N TRP A 204 -7.47 3.39 12.25
CA TRP A 204 -6.66 2.94 13.38
C TRP A 204 -7.49 1.94 14.23
N PRO A 205 -6.88 0.83 14.64
CA PRO A 205 -7.64 -0.20 15.34
C PRO A 205 -8.09 0.22 16.73
N GLN A 206 -9.39 0.05 16.99
CA GLN A 206 -9.98 0.39 18.29
C GLN A 206 -9.32 -0.32 19.45
N GLU A 207 -8.90 -1.57 19.27
CA GLU A 207 -8.23 -2.33 20.33
C GLU A 207 -7.05 -1.53 20.87
N VAL A 208 -6.40 -0.79 19.98
CA VAL A 208 -5.23 0.00 20.37
C VAL A 208 -5.65 1.40 20.83
N TRP A 209 -6.38 2.16 20.01
CA TRP A 209 -6.63 3.53 20.39
C TRP A 209 -7.51 3.67 21.64
N SER A 210 -8.34 2.68 21.91
CA SER A 210 -9.26 2.78 23.06
C SER A 210 -8.54 2.62 24.41
N ARG A 211 -7.27 2.26 24.35
CA ARG A 211 -6.42 2.24 25.54
C ARG A 211 -5.82 3.61 25.84
N TYR A 212 -6.24 4.59 25.06
CA TYR A 212 -5.76 5.97 25.24
C TYR A 212 -6.89 6.99 25.33
N VAL A 213 -7.89 6.86 24.48
CA VAL A 213 -8.96 7.88 24.37
C VAL A 213 -10.30 7.21 24.13
N LYS A 214 -11.37 7.96 24.39
CA LYS A 214 -12.73 7.42 24.23
C LYS A 214 -13.21 7.32 22.79
N LYS A 215 -12.71 8.20 21.92
CA LYS A 215 -13.04 8.15 20.50
C LYS A 215 -11.75 8.44 19.72
N LEU A 216 -11.61 7.84 18.55
CA LEU A 216 -10.40 8.06 17.76
C LEU A 216 -10.19 9.54 17.45
N GLY A 217 -11.27 10.28 17.20
CA GLY A 217 -11.13 11.69 16.88
C GLY A 217 -10.58 12.56 18.00
N ASP A 218 -10.52 12.02 19.21
CA ASP A 218 -9.97 12.76 20.33
C ASP A 218 -8.49 13.05 20.19
N PHE A 219 -7.80 12.33 19.32
CA PHE A 219 -6.36 12.54 19.15
C PHE A 219 -6.09 13.85 18.43
N ALA A 220 -7.11 14.42 17.81
CA ALA A 220 -6.94 15.71 17.16
C ALA A 220 -7.12 16.84 18.17
N LYS A 221 -7.56 16.51 19.39
CA LYS A 221 -7.69 17.52 20.44
C LYS A 221 -6.34 17.80 21.10
N PRO A 222 -5.88 19.06 21.11
CA PRO A 222 -4.55 19.35 21.66
C PRO A 222 -4.27 18.82 23.06
N GLU A 223 -5.27 18.79 23.95
CA GLU A 223 -5.02 18.34 25.32
C GLU A 223 -4.63 16.86 25.37
N ASN A 224 -4.89 16.15 24.29
CA ASN A 224 -4.62 14.73 24.19
C ASN A 224 -3.34 14.38 23.43
N ILE A 225 -2.48 15.37 23.18
CA ILE A 225 -1.35 15.11 22.30
C ILE A 225 -0.37 14.06 22.82
N ASP A 226 -0.12 14.02 24.13
CA ASP A 226 0.80 13.01 24.65
C ASP A 226 0.27 11.60 24.43
N LEU A 227 -1.02 11.41 24.70
CA LEU A 227 -1.68 10.13 24.47
C LEU A 227 -1.64 9.75 22.98
N ALA A 228 -1.94 10.73 22.14
CA ALA A 228 -1.93 10.54 20.69
C ALA A 228 -0.57 10.03 20.21
N VAL A 229 0.49 10.67 20.67
CA VAL A 229 1.83 10.27 20.26
C VAL A 229 2.20 8.89 20.82
N GLN A 230 1.81 8.58 22.05
CA GLN A 230 1.98 7.20 22.53
C GLN A 230 1.30 6.17 21.62
N CYS A 231 0.07 6.44 21.19
CA CYS A 231 -0.67 5.50 20.35
C CYS A 231 0.03 5.37 18.99
N LEU A 232 0.43 6.52 18.44
CA LEU A 232 1.18 6.57 17.20
C LEU A 232 2.40 5.65 17.28
N ASN A 233 3.16 5.79 18.37
CA ASN A 233 4.35 4.97 18.56
C ASN A 233 4.04 3.48 18.68
N GLU A 234 2.92 3.15 19.34
CA GLU A 234 2.49 1.75 19.43
C GLU A 234 2.17 1.20 18.05
N LEU A 235 1.45 1.96 17.21
CA LEU A 235 1.13 1.48 15.87
C LEU A 235 2.38 1.37 14.99
N ILE A 236 3.32 2.31 15.10
CA ILE A 236 4.55 2.19 14.32
C ILE A 236 5.30 0.94 14.75
N THR A 237 5.29 0.66 16.06
CA THR A 237 5.95 -0.56 16.57
C THR A 237 5.31 -1.81 15.95
N ASN A 238 3.99 -1.78 15.81
CA ASN A 238 3.27 -2.87 15.14
C ASN A 238 3.78 -3.03 13.71
N ALA A 239 3.83 -1.92 12.99
CA ALA A 239 4.24 -1.98 11.58
C ALA A 239 5.66 -2.51 11.40
N LEU A 240 6.55 -2.16 12.32
CA LEU A 240 7.94 -2.60 12.20
C LEU A 240 8.07 -4.13 12.20
N HIS A 241 7.08 -4.82 12.77
CA HIS A 241 7.18 -6.28 12.80
C HIS A 241 7.16 -6.93 11.42
N HIS A 242 6.75 -6.21 10.39
CA HIS A 242 6.77 -6.75 9.01
C HIS A 242 8.13 -6.66 8.33
N ILE A 243 9.07 -5.93 8.91
CA ILE A 243 10.36 -5.75 8.24
C ILE A 243 11.15 -7.03 7.95
N PRO A 244 11.17 -8.01 8.88
CA PRO A 244 11.86 -9.25 8.52
C PRO A 244 11.32 -9.88 7.25
N ASP A 245 10.00 -9.89 7.09
CA ASP A 245 9.40 -10.45 5.88
C ASP A 245 9.75 -9.61 4.66
N VAL A 246 9.77 -8.28 4.79
CA VAL A 246 10.15 -7.41 3.68
C VAL A 246 11.58 -7.73 3.23
N ILE A 247 12.49 -7.85 4.19
CA ILE A 247 13.86 -8.22 3.85
C ILE A 247 13.97 -9.58 3.18
N THR A 248 13.28 -10.59 3.73
CA THR A 248 13.25 -11.93 3.11
C THR A 248 12.74 -11.86 1.67
N TYR A 249 11.62 -11.16 1.48
CA TYR A 249 11.01 -11.04 0.16
C TYR A 249 12.02 -10.43 -0.82
N LEU A 250 12.56 -9.26 -0.48
CA LEU A 250 13.45 -8.58 -1.41
C LEU A 250 14.69 -9.41 -1.70
N SER A 251 15.14 -10.20 -0.70
CA SER A 251 16.37 -10.98 -0.84
C SER A 251 16.26 -12.12 -1.86
N ARG A 252 15.05 -12.51 -2.19
CA ARG A 252 14.79 -13.62 -3.11
C ARG A 252 14.68 -13.20 -4.56
N LEU A 253 14.58 -11.89 -4.83
CA LEU A 253 14.31 -11.43 -6.19
C LEU A 253 15.59 -11.50 -7.00
N ARG A 254 15.49 -12.05 -8.20
CA ARG A 254 16.66 -12.11 -9.07
C ARG A 254 16.63 -11.15 -10.24
N ASN A 255 15.49 -10.51 -10.51
CA ASN A 255 15.40 -9.62 -11.67
C ASN A 255 15.60 -8.19 -11.20
N GLN A 256 16.52 -7.48 -11.84
CA GLN A 256 16.85 -6.12 -11.38
C GLN A 256 15.64 -5.20 -11.44
N SER A 257 14.90 -5.27 -12.53
CA SER A 257 13.76 -4.38 -12.69
C SER A 257 12.66 -4.64 -11.64
N VAL A 258 12.48 -5.91 -11.32
CA VAL A 258 11.52 -6.30 -10.29
C VAL A 258 12.00 -5.84 -8.92
N PHE A 259 13.28 -6.07 -8.63
CA PHE A 259 13.88 -5.62 -7.39
C PHE A 259 13.62 -4.13 -7.14
N ASN A 260 13.89 -3.32 -8.15
CA ASN A 260 13.76 -1.86 -7.98
C ASN A 260 12.29 -1.50 -7.73
N PHE A 261 11.40 -2.11 -8.51
CA PHE A 261 9.97 -1.91 -8.36
C PHE A 261 9.48 -2.27 -6.95
N CYS A 262 9.98 -3.37 -6.40
CA CYS A 262 9.54 -3.82 -5.07
C CYS A 262 10.20 -3.06 -3.93
N ALA A 263 11.46 -2.70 -4.11
CA ALA A 263 12.22 -2.09 -3.01
C ALA A 263 11.88 -0.63 -2.79
N ILE A 264 11.65 0.13 -3.85
CA ILE A 264 11.41 1.57 -3.72
C ILE A 264 10.28 1.91 -2.75
N PRO A 265 9.10 1.29 -2.90
CA PRO A 265 8.02 1.67 -1.97
C PRO A 265 8.33 1.28 -0.53
N GLN A 266 9.11 0.22 -0.33
CA GLN A 266 9.39 -0.22 1.04
C GLN A 266 10.35 0.74 1.72
N VAL A 267 11.36 1.21 0.98
CA VAL A 267 12.29 2.20 1.53
C VAL A 267 11.55 3.50 1.83
N MET A 268 10.61 3.92 0.98
CA MET A 268 9.84 5.12 1.27
C MET A 268 9.00 4.91 2.52
N ALA A 269 8.47 3.71 2.70
CA ALA A 269 7.67 3.44 3.88
C ALA A 269 8.48 3.55 5.17
N ILE A 270 9.64 2.91 5.21
CA ILE A 270 10.43 3.01 6.45
C ILE A 270 10.86 4.45 6.68
N ALA A 271 11.18 5.19 5.62
CA ALA A 271 11.47 6.62 5.80
C ALA A 271 10.30 7.39 6.39
N THR A 272 9.10 7.06 5.95
CA THR A 272 7.90 7.72 6.46
C THR A 272 7.66 7.38 7.94
N LEU A 273 7.84 6.11 8.29
CA LEU A 273 7.68 5.73 9.70
C LEU A 273 8.69 6.47 10.58
N ALA A 274 9.92 6.60 10.10
CA ALA A 274 10.95 7.29 10.88
C ALA A 274 10.60 8.76 11.03
N ALA A 275 10.00 9.35 10.00
CA ALA A 275 9.55 10.75 10.09
C ALA A 275 8.41 10.91 11.09
N CYS A 276 7.52 9.92 11.14
CA CYS A 276 6.35 9.98 11.98
C CYS A 276 6.63 9.62 13.42
N TYR A 277 7.71 8.88 13.70
CA TYR A 277 7.91 8.31 15.02
C TYR A 277 7.99 9.43 16.05
N ASN A 278 7.19 9.32 17.11
CA ASN A 278 7.22 10.30 18.21
C ASN A 278 6.94 11.75 17.77
N ASN A 279 6.20 11.92 16.67
CA ASN A 279 6.04 13.23 16.03
C ASN A 279 4.64 13.79 16.15
N GLN A 280 4.51 14.84 16.98
CA GLN A 280 3.23 15.49 17.19
C GLN A 280 2.59 15.99 15.89
N GLN A 281 3.39 16.24 14.84
CA GLN A 281 2.87 16.77 13.58
C GLN A 281 1.87 15.85 12.88
N VAL A 282 1.94 14.56 13.20
CA VAL A 282 0.95 13.62 12.67
C VAL A 282 -0.47 14.11 13.00
N PHE A 283 -0.64 14.71 14.18
CA PHE A 283 -1.95 15.13 14.70
C PHE A 283 -2.29 16.60 14.56
N LYS A 284 -1.26 17.44 14.51
CA LYS A 284 -1.46 18.88 14.65
C LYS A 284 -0.78 19.71 13.58
N GLY A 285 -0.23 19.05 12.56
CA GLY A 285 0.49 19.81 11.53
C GLY A 285 0.69 19.00 10.28
N ALA A 286 1.86 19.16 9.66
CA ALA A 286 2.11 18.51 8.38
C ALA A 286 3.48 17.84 8.44
N VAL A 287 3.51 16.52 8.35
CA VAL A 287 4.79 15.80 8.38
C VAL A 287 5.49 15.97 7.02
N LYS A 288 6.74 16.40 7.06
CA LYS A 288 7.60 16.45 5.88
C LYS A 288 8.56 15.27 5.81
N ILE A 289 8.67 14.66 4.64
CA ILE A 289 9.81 13.83 4.24
C ILE A 289 10.60 14.58 3.17
N ARG A 290 11.74 15.15 3.54
CA ARG A 290 12.59 15.94 2.65
C ARG A 290 12.76 15.26 1.30
N LYS A 291 12.38 15.95 0.22
CA LYS A 291 12.08 15.29 -1.06
C LYS A 291 13.24 15.02 -2.02
N GLY A 292 14.37 15.70 -1.81
CA GLY A 292 15.64 15.25 -2.37
C GLY A 292 16.03 13.91 -1.77
N GLN A 293 15.51 13.65 -0.57
CA GLN A 293 15.73 12.38 0.12
C GLN A 293 14.94 11.23 -0.51
N ALA A 294 13.68 11.48 -0.83
CA ALA A 294 12.87 10.53 -1.59
C ALA A 294 13.50 10.10 -2.93
N VAL A 295 14.05 11.04 -3.69
CA VAL A 295 14.74 10.67 -4.92
C VAL A 295 16.03 9.90 -4.66
N THR A 296 16.77 10.28 -3.63
CA THR A 296 17.98 9.54 -3.26
C THR A 296 17.69 8.09 -2.86
N LEU A 297 16.69 7.88 -2.02
CA LEU A 297 16.29 6.52 -1.65
C LEU A 297 15.91 5.68 -2.87
N MET A 298 15.09 6.23 -3.76
CA MET A 298 14.81 5.59 -5.04
C MET A 298 16.06 5.21 -5.82
N MET A 299 16.96 6.17 -6.04
CA MET A 299 18.20 5.93 -6.77
C MET A 299 19.09 4.83 -6.19
N ASP A 300 19.08 4.71 -4.87
CA ASP A 300 20.03 3.85 -4.18
C ASP A 300 19.48 2.45 -3.95
N ALA A 301 18.17 2.30 -4.00
CA ALA A 301 17.54 1.07 -3.55
C ALA A 301 17.58 0.01 -4.65
N THR A 302 18.78 -0.40 -5.06
CA THR A 302 18.92 -1.28 -6.22
C THR A 302 19.64 -2.58 -5.95
N ASN A 303 20.06 -2.79 -4.70
CA ASN A 303 20.64 -4.07 -4.29
C ASN A 303 20.36 -4.27 -2.80
N MET A 304 20.51 -5.52 -2.35
CA MET A 304 20.19 -5.87 -0.97
C MET A 304 21.07 -5.17 0.05
N PRO A 305 22.40 -5.12 -0.15
CA PRO A 305 23.18 -4.38 0.83
C PRO A 305 22.79 -2.90 0.98
N ALA A 306 22.46 -2.24 -0.14
CA ALA A 306 22.04 -0.85 -0.08
C ALA A 306 20.69 -0.70 0.63
N VAL A 307 19.74 -1.58 0.31
CA VAL A 307 18.42 -1.49 0.92
C VAL A 307 18.49 -1.79 2.42
N LYS A 308 19.25 -2.81 2.79
CA LYS A 308 19.52 -3.03 4.20
C LYS A 308 20.14 -1.83 4.90
N ALA A 309 21.11 -1.17 4.25
CA ALA A 309 21.72 0.03 4.84
C ALA A 309 20.72 1.13 5.16
N ILE A 310 19.79 1.35 4.25
CA ILE A 310 18.75 2.35 4.41
C ILE A 310 17.81 1.94 5.54
N ILE A 311 17.30 0.71 5.48
CA ILE A 311 16.39 0.24 6.52
C ILE A 311 17.03 0.32 7.90
N TYR A 312 18.25 -0.19 8.00
CA TYR A 312 18.93 -0.19 9.28
C TYR A 312 19.24 1.20 9.81
N GLN A 313 19.60 2.13 8.94
CA GLN A 313 19.85 3.50 9.41
C GLN A 313 18.59 4.14 9.95
N TYR A 314 17.46 3.99 9.25
CA TYR A 314 16.23 4.56 9.77
C TYR A 314 15.83 3.92 11.08
N MET A 315 16.00 2.60 11.19
CA MET A 315 15.70 1.95 12.46
C MET A 315 16.61 2.45 13.57
N GLU A 316 17.87 2.70 13.25
CA GLU A 316 18.83 3.21 14.24
C GLU A 316 18.43 4.59 14.75
N GLU A 317 17.93 5.42 13.83
CA GLU A 317 17.46 6.76 14.18
C GLU A 317 16.23 6.67 15.08
N ILE A 318 15.29 5.80 14.74
CA ILE A 318 14.15 5.58 15.61
C ILE A 318 14.61 5.07 16.98
N TYR A 319 15.50 4.08 16.97
CA TYR A 319 15.90 3.42 18.20
C TYR A 319 16.38 4.42 19.24
N HIS A 320 17.26 5.31 18.82
CA HIS A 320 17.86 6.26 19.77
C HIS A 320 17.03 7.50 20.07
N ARG A 321 15.83 7.51 19.50
CA ARG A 321 14.81 8.52 19.73
C ARG A 321 13.71 8.01 20.66
N ILE A 322 13.75 6.72 21.02
CA ILE A 322 12.66 6.10 21.78
C ILE A 322 12.72 6.63 23.21
N PRO A 323 11.63 7.27 23.65
CA PRO A 323 11.65 7.70 25.05
C PRO A 323 11.45 6.52 26.01
N ASP A 324 12.22 6.46 27.09
CA ASP A 324 12.10 5.38 28.07
C ASP A 324 10.67 5.28 28.61
N SER A 325 9.99 6.42 28.71
CA SER A 325 8.63 6.53 29.24
C SER A 325 7.52 6.11 28.28
N ASP A 326 7.83 6.01 27.00
CA ASP A 326 6.82 5.50 26.07
C ASP A 326 6.32 4.12 26.50
N PRO A 327 4.99 3.91 26.52
CA PRO A 327 4.51 2.60 26.98
C PRO A 327 4.93 1.43 26.09
N SER A 328 5.29 1.72 24.84
CA SER A 328 5.80 0.70 23.93
C SER A 328 7.33 0.65 23.88
N SER A 329 8.01 1.45 24.71
CA SER A 329 9.44 1.71 24.54
C SER A 329 10.25 0.42 24.47
N SER A 330 9.95 -0.46 25.42
CA SER A 330 10.52 -1.80 25.42
C SER A 330 10.26 -2.66 24.17
N LYS A 331 9.03 -2.71 23.65
CA LYS A 331 8.80 -3.51 22.44
C LYS A 331 9.45 -2.86 21.23
N THR A 332 9.51 -1.53 21.19
CA THR A 332 10.09 -0.85 20.02
C THR A 332 11.58 -1.18 19.95
N ARG A 333 12.24 -1.08 21.10
CA ARG A 333 13.66 -1.43 21.16
C ARG A 333 13.85 -2.88 20.83
N GLN A 334 12.99 -3.71 21.39
CA GLN A 334 13.09 -5.12 21.15
C GLN A 334 12.93 -5.51 19.68
N ILE A 335 11.92 -4.99 19.00
CA ILE A 335 11.75 -5.38 17.61
C ILE A 335 12.89 -4.85 16.73
N ILE A 336 13.32 -3.62 16.96
CA ILE A 336 14.42 -3.10 16.17
C ILE A 336 15.69 -3.91 16.47
N SER A 337 15.99 -4.18 17.73
CA SER A 337 17.16 -4.98 18.14
C SER A 337 17.07 -6.36 17.49
N THR A 338 15.90 -6.98 17.57
CA THR A 338 15.69 -8.31 17.02
C THR A 338 15.94 -8.39 15.52
N ILE A 339 15.43 -7.40 14.79
CA ILE A 339 15.65 -7.37 13.35
C ILE A 339 17.14 -7.22 13.06
N ARG A 340 17.82 -6.29 13.71
CA ARG A 340 19.24 -6.13 13.47
C ARG A 340 20.01 -7.40 13.85
N THR A 341 19.61 -8.03 14.96
CA THR A 341 20.28 -9.26 15.38
C THR A 341 20.18 -10.36 14.31
N GLN A 342 19.06 -10.39 13.59
CA GLN A 342 18.89 -11.28 12.44
C GLN A 342 19.88 -11.04 11.30
CA CA B . -9.11 3.20 -0.73
NI NI C . 22.39 1.90 18.37
#